data_3OCW
#
_entry.id   3OCW
#
_cell.length_a   97.878
_cell.length_b   97.878
_cell.length_c   105.821
_cell.angle_alpha   90.00
_cell.angle_beta   90.00
_cell.angle_gamma   120.00
#
_symmetry.space_group_name_H-M   'P 65 2 2'
#
loop_
_entity.id
_entity.type
_entity.pdbx_description
1 polymer 'Lipoprotein E'
2 non-polymer 'MAGNESIUM ION'
3 non-polymer '[(2R,3S,4R,5R)-5-(6-aminopurin-9-yl)-4-hydroxy-2-(hydroxymethyl)oxolan-3-yl] dihydrogen phosphate'
4 water water
#
_entity_poly.entity_id   1
_entity_poly.type   'polypeptide(L)'
_entity_poly.pdbx_seq_one_letter_code
;MGSHQMKSEEHANMQLQQQAVLGLNWMQDSGEYKALAYQAYNAAKVAFDHAKVAKGKKKAVVADLNETMLDNSPYAGWQV
QNNKPFDGKDWTRWVDARQSRAVPGAVEFNNYVNSHNGKVFYVTNRKDSTEKSGTIDDMKRLGFNGVEESAFYLKKDKSA
KAARFAEIEKQGYEIVLYVGDNLDDFGNTVYGKLNADRRAFVDQNQGKFGKTFIMLPNANYGGWEGGLAEGYFKKDTQGQ
IKARLDAVQAWDGKLEHHHHHH
;
_entity_poly.pdbx_strand_id   A
#
# COMPACT_ATOMS: atom_id res chain seq x y z
N GLU A 9 10.39 25.99 7.81
CA GLU A 9 9.28 26.88 8.12
C GLU A 9 8.07 26.09 8.60
N GLU A 10 7.46 26.55 9.70
CA GLU A 10 6.28 25.89 10.25
C GLU A 10 5.06 26.13 9.36
N HIS A 11 5.01 27.29 8.71
CA HIS A 11 3.89 27.63 7.84
C HIS A 11 3.82 26.68 6.65
N ALA A 12 4.98 26.36 6.09
CA ALA A 12 5.08 25.43 4.97
C ALA A 12 4.68 24.02 5.40
N ASN A 13 5.18 23.59 6.56
CA ASN A 13 4.81 22.28 7.10
C ASN A 13 3.30 22.18 7.28
N MET A 14 2.68 23.26 7.75
CA MET A 14 1.24 23.27 7.95
CA MET A 14 1.24 23.28 7.95
C MET A 14 0.49 23.17 6.62
N GLN A 15 0.91 23.97 5.63
CA GLN A 15 0.23 23.92 4.33
C GLN A 15 0.36 22.55 3.68
N LEU A 16 1.55 21.94 3.77
CA LEU A 16 1.75 20.63 3.15
C LEU A 16 0.78 19.60 3.72
N GLN A 17 0.63 19.59 5.04
CA GLN A 17 -0.24 18.59 5.67
C GLN A 17 -1.72 18.95 5.55
N GLN A 18 -2.04 20.24 5.47
CA GLN A 18 -3.43 20.62 5.27
C GLN A 18 -3.95 20.07 3.93
N GLN A 19 -3.04 19.91 2.98
CA GLN A 19 -3.42 19.47 1.64
C GLN A 19 -3.92 18.03 1.63
N ALA A 20 -3.68 17.32 2.72
CA ALA A 20 -4.07 15.91 2.83
C ALA A 20 -5.42 15.73 3.53
N VAL A 21 -6.01 16.81 4.02
CA VAL A 21 -7.16 16.67 4.93
C VAL A 21 -8.41 16.02 4.31
N LEU A 22 -8.82 16.51 3.15
CA LEU A 22 -10.06 16.01 2.53
C LEU A 22 -9.95 14.52 2.15
N GLY A 23 -8.81 14.12 1.59
CA GLY A 23 -8.61 12.73 1.23
C GLY A 23 -8.52 11.84 2.46
N LEU A 24 -8.00 12.40 3.55
CA LEU A 24 -7.97 11.69 4.82
C LEU A 24 -9.40 11.51 5.37
N ASN A 25 -10.21 12.57 5.34
CA ASN A 25 -11.62 12.45 5.73
C ASN A 25 -12.28 11.33 4.92
N TRP A 26 -12.01 11.30 3.61
CA TRP A 26 -12.62 10.29 2.76
C TRP A 26 -12.19 8.88 3.19
N MET A 27 -10.89 8.67 3.36
CA MET A 27 -10.40 7.35 3.73
C MET A 27 -10.88 6.92 5.11
N GLN A 28 -10.92 7.85 6.05
CA GLN A 28 -11.24 7.50 7.44
C GLN A 28 -12.73 7.36 7.72
N ASP A 29 -13.53 8.20 7.07
CA ASP A 29 -14.93 8.40 7.47
CA ASP A 29 -14.93 8.36 7.47
C ASP A 29 -15.96 7.83 6.48
N SER A 30 -15.63 7.83 5.19
CA SER A 30 -16.65 7.49 4.18
C SER A 30 -17.01 6.02 4.10
N GLY A 31 -18.29 5.76 3.83
CA GLY A 31 -18.72 4.42 3.46
C GLY A 31 -18.14 4.06 2.10
N GLU A 32 -17.93 5.07 1.25
CA GLU A 32 -17.42 4.83 -0.10
C GLU A 32 -16.05 4.14 -0.08
N TYR A 33 -15.17 4.61 0.80
CA TYR A 33 -13.88 3.95 0.94
C TYR A 33 -14.07 2.47 1.35
N LYS A 34 -14.94 2.23 2.33
CA LYS A 34 -15.19 0.84 2.76
C LYS A 34 -15.69 0.00 1.59
N ALA A 35 -16.57 0.58 0.79
CA ALA A 35 -17.16 -0.12 -0.35
C ALA A 35 -16.10 -0.54 -1.35
N LEU A 36 -15.13 0.36 -1.57
CA LEU A 36 -14.01 0.08 -2.48
C LEU A 36 -13.13 -1.03 -1.95
N ALA A 37 -12.94 -1.06 -0.63
CA ALA A 37 -12.17 -2.12 0.00
C ALA A 37 -12.86 -3.48 -0.17
N TYR A 38 -14.16 -3.52 0.13
CA TYR A 38 -14.95 -4.73 -0.08
C TYR A 38 -14.95 -5.16 -1.54
N GLN A 39 -15.10 -4.19 -2.44
CA GLN A 39 -15.05 -4.48 -3.87
C GLN A 39 -13.76 -5.18 -4.25
N ALA A 40 -12.63 -4.64 -3.78
CA ALA A 40 -11.33 -5.22 -4.09
C ALA A 40 -11.22 -6.63 -3.58
N TYR A 41 -11.59 -6.84 -2.32
CA TYR A 41 -11.43 -8.17 -1.72
C TYR A 41 -12.44 -9.18 -2.24
N ASN A 42 -13.64 -8.72 -2.63
CA ASN A 42 -14.58 -9.61 -3.29
C ASN A 42 -14.02 -10.09 -4.62
N ALA A 43 -13.45 -9.15 -5.37
CA ALA A 43 -12.83 -9.50 -6.64
C ALA A 43 -11.64 -10.45 -6.45
N ALA A 44 -10.83 -10.16 -5.43
CA ALA A 44 -9.67 -11.01 -5.10
C ALA A 44 -10.05 -12.47 -4.83
N LYS A 45 -11.14 -12.68 -4.09
CA LYS A 45 -11.60 -14.05 -3.82
C LYS A 45 -11.95 -14.79 -5.11
N VAL A 46 -12.66 -14.12 -6.00
CA VAL A 46 -13.04 -14.72 -7.28
C VAL A 46 -11.80 -15.11 -8.09
N ALA A 47 -10.84 -14.20 -8.17
CA ALA A 47 -9.57 -14.48 -8.86
C ALA A 47 -8.82 -15.64 -8.22
N PHE A 48 -8.75 -15.67 -6.90
CA PHE A 48 -8.07 -16.78 -6.22
C PHE A 48 -8.73 -18.12 -6.52
N ASP A 49 -10.06 -18.16 -6.41
CA ASP A 49 -10.80 -19.40 -6.65
C ASP A 49 -10.64 -19.89 -8.08
N HIS A 50 -10.55 -18.96 -9.03
CA HIS A 50 -10.38 -19.31 -10.44
C HIS A 50 -8.95 -19.75 -10.80
N ALA A 51 -7.98 -19.32 -10.02
CA ALA A 51 -6.57 -19.49 -10.38
C ALA A 51 -6.15 -20.96 -10.47
N LYS A 52 -5.41 -21.27 -11.52
CA LYS A 52 -4.78 -22.58 -11.64
C LYS A 52 -3.27 -22.38 -11.79
N VAL A 53 -2.49 -23.23 -11.12
CA VAL A 53 -1.05 -23.10 -11.18
C VAL A 53 -0.40 -24.30 -11.88
N ALA A 54 0.88 -24.15 -12.23
CA ALA A 54 1.63 -25.22 -12.87
C ALA A 54 1.74 -26.45 -11.97
N LYS A 55 1.84 -27.63 -12.58
CA LYS A 55 2.00 -28.86 -11.81
C LYS A 55 3.19 -28.71 -10.87
N GLY A 56 3.01 -29.16 -9.64
CA GLY A 56 4.08 -29.10 -8.64
C GLY A 56 4.15 -27.82 -7.84
N LYS A 57 3.43 -26.79 -8.27
CA LYS A 57 3.50 -25.49 -7.60
C LYS A 57 2.43 -25.37 -6.53
N LYS A 58 2.73 -24.56 -5.52
CA LYS A 58 1.74 -24.21 -4.50
C LYS A 58 1.21 -22.80 -4.82
N LYS A 59 -0.07 -22.56 -4.55
CA LYS A 59 -0.69 -21.27 -4.83
C LYS A 59 -0.28 -20.24 -3.79
N ALA A 60 0.28 -19.12 -4.24
CA ALA A 60 0.60 -18.02 -3.35
C ALA A 60 -0.17 -16.78 -3.75
N VAL A 61 -0.52 -15.98 -2.74
CA VAL A 61 -1.05 -14.64 -2.95
C VAL A 61 -0.04 -13.71 -2.32
N VAL A 62 0.37 -12.68 -3.07
CA VAL A 62 1.24 -11.66 -2.49
C VAL A 62 0.41 -10.46 -2.07
N ALA A 63 0.60 -10.02 -0.83
CA ALA A 63 -0.14 -8.88 -0.31
C ALA A 63 0.79 -7.84 0.29
N ASP A 64 0.59 -6.59 -0.08
CA ASP A 64 1.20 -5.47 0.61
C ASP A 64 0.49 -5.31 1.95
N LEU A 65 1.11 -4.61 2.90
CA LEU A 65 0.46 -4.33 4.18
C LEU A 65 -0.13 -2.92 4.28
N ASN A 66 0.73 -1.90 4.35
CA ASN A 66 0.23 -0.54 4.63
C ASN A 66 -0.76 -0.02 3.60
N GLU A 67 -1.98 0.28 4.05
CA GLU A 67 -3.08 0.76 3.20
C GLU A 67 -3.59 -0.26 2.20
N THR A 68 -3.22 -1.52 2.43
CA THR A 68 -3.75 -2.64 1.67
C THR A 68 -4.45 -3.60 2.62
N MET A 69 -3.71 -4.10 3.61
CA MET A 69 -4.30 -4.95 4.63
C MET A 69 -4.35 -4.23 5.99
N LEU A 70 -3.38 -3.33 6.21
CA LEU A 70 -3.32 -2.56 7.46
C LEU A 70 -3.69 -1.10 7.23
N ASP A 71 -4.52 -0.58 8.12
CA ASP A 71 -5.01 0.80 8.07
C ASP A 71 -4.22 1.65 9.06
N ASN A 72 -3.37 2.55 8.53
CA ASN A 72 -2.55 3.46 9.34
C ASN A 72 -3.05 4.90 9.36
N SER A 73 -4.32 5.11 9.08
CA SER A 73 -4.81 6.47 8.95
C SER A 73 -4.58 7.34 10.20
N PRO A 74 -4.57 6.73 11.40
CA PRO A 74 -4.31 7.61 12.56
C PRO A 74 -2.93 8.27 12.55
N TYR A 75 -1.94 7.64 11.91
CA TYR A 75 -0.65 8.30 11.74
C TYR A 75 -0.80 9.54 10.86
N ALA A 76 -1.53 9.40 9.75
CA ALA A 76 -1.79 10.55 8.88
C ALA A 76 -2.53 11.64 9.65
N GLY A 77 -3.50 11.25 10.46
CA GLY A 77 -4.22 12.19 11.30
C GLY A 77 -3.30 12.96 12.25
N TRP A 78 -2.34 12.25 12.83
CA TRP A 78 -1.34 12.87 13.72
C TRP A 78 -0.49 13.88 12.94
N GLN A 79 -0.12 13.54 11.69
CA GLN A 79 0.62 14.45 10.83
C GLN A 79 -0.15 15.74 10.60
N VAL A 80 -1.44 15.60 10.32
CA VAL A 80 -2.29 16.77 10.10
C VAL A 80 -2.36 17.63 11.34
N GLN A 81 -2.59 17.01 12.49
CA GLN A 81 -2.78 17.76 13.73
C GLN A 81 -1.49 18.41 14.22
N ASN A 82 -0.35 17.84 13.85
CA ASN A 82 0.94 18.37 14.32
C ASN A 82 1.80 18.99 13.24
N ASN A 83 1.23 19.22 12.07
CA ASN A 83 1.96 19.79 10.93
C ASN A 83 3.28 19.08 10.68
N LYS A 84 3.22 17.75 10.68
CA LYS A 84 4.42 16.91 10.56
C LYS A 84 4.50 16.21 9.20
N PRO A 85 5.46 16.60 8.37
CA PRO A 85 5.69 15.85 7.13
C PRO A 85 6.20 14.45 7.47
N PHE A 86 6.13 13.53 6.50
CA PHE A 86 6.53 12.14 6.81
C PHE A 86 7.97 12.03 7.26
N ASP A 87 8.18 11.25 8.32
CA ASP A 87 9.53 11.02 8.83
C ASP A 87 9.56 9.58 9.29
N GLY A 88 10.47 8.79 8.72
CA GLY A 88 10.56 7.38 9.04
C GLY A 88 10.75 7.12 10.54
N LYS A 89 11.31 8.09 11.26
CA LYS A 89 11.53 7.92 12.70
C LYS A 89 10.22 8.01 13.46
N ASP A 90 9.34 8.91 13.03
CA ASP A 90 8.00 8.99 13.60
C ASP A 90 7.21 7.74 13.23
N TRP A 91 7.35 7.31 11.98
CA TRP A 91 6.67 6.11 11.50
C TRP A 91 7.01 4.91 12.37
N THR A 92 8.29 4.71 12.66
CA THR A 92 8.69 3.58 13.51
C THR A 92 7.98 3.60 14.86
N ARG A 93 7.88 4.78 15.46
CA ARG A 93 7.15 4.91 16.74
C ARG A 93 5.68 4.55 16.57
N TRP A 94 5.07 4.99 15.47
CA TRP A 94 3.69 4.61 15.18
C TRP A 94 3.52 3.09 15.14
N VAL A 95 4.43 2.41 14.44
CA VAL A 95 4.35 0.94 14.35
C VAL A 95 4.42 0.34 15.74
N ASP A 96 5.35 0.84 16.55
CA ASP A 96 5.60 0.33 17.90
C ASP A 96 4.40 0.60 18.81
N ALA A 97 3.59 1.60 18.44
CA ALA A 97 2.42 1.95 19.23
C ALA A 97 1.35 0.87 19.18
N ARG A 98 1.45 -0.01 18.20
CA ARG A 98 0.52 -1.14 18.07
C ARG A 98 -0.94 -0.68 18.06
N GLN A 99 -1.24 0.26 17.17
CA GLN A 99 -2.60 0.76 17.03
C GLN A 99 -3.10 0.63 15.59
N SER A 100 -2.41 -0.16 14.78
CA SER A 100 -2.85 -0.38 13.40
C SER A 100 -4.24 -1.01 13.38
N ARG A 101 -5.05 -0.65 12.38
CA ARG A 101 -6.35 -1.29 12.20
C ARG A 101 -6.27 -2.13 10.93
N ALA A 102 -7.33 -2.88 10.64
CA ALA A 102 -7.37 -3.68 9.41
C ALA A 102 -8.21 -3.00 8.34
N VAL A 103 -7.76 -3.08 7.10
CA VAL A 103 -8.54 -2.60 5.96
C VAL A 103 -9.77 -3.53 5.84
N PRO A 104 -10.96 -2.95 5.59
CA PRO A 104 -12.15 -3.80 5.51
C PRO A 104 -12.02 -4.92 4.48
N GLY A 105 -12.42 -6.12 4.85
CA GLY A 105 -12.36 -7.26 3.95
C GLY A 105 -11.03 -8.00 3.94
N ALA A 106 -9.97 -7.38 4.47
CA ALA A 106 -8.63 -7.95 4.32
C ALA A 106 -8.43 -9.22 5.14
N VAL A 107 -8.89 -9.21 6.39
CA VAL A 107 -8.68 -10.38 7.25
C VAL A 107 -9.43 -11.58 6.69
N GLU A 108 -10.69 -11.37 6.30
CA GLU A 108 -11.49 -12.45 5.74
C GLU A 108 -10.85 -13.06 4.51
N PHE A 109 -10.41 -12.21 3.59
CA PHE A 109 -9.76 -12.72 2.37
C PHE A 109 -8.46 -13.44 2.72
N ASN A 110 -7.65 -12.81 3.56
CA ASN A 110 -6.40 -13.45 4.01
C ASN A 110 -6.65 -14.86 4.55
N ASN A 111 -7.58 -14.96 5.48
CA ASN A 111 -7.86 -16.23 6.14
C ASN A 111 -8.51 -17.25 5.23
N TYR A 112 -9.30 -16.77 4.27
CA TYR A 112 -9.90 -17.64 3.27
C TYR A 112 -8.81 -18.28 2.41
N VAL A 113 -7.91 -17.46 1.88
CA VAL A 113 -6.81 -17.98 1.08
C VAL A 113 -6.02 -19.06 1.85
N ASN A 114 -5.70 -18.75 3.11
CA ASN A 114 -4.82 -19.63 3.87
C ASN A 114 -5.50 -20.94 4.25
N SER A 115 -6.83 -20.96 4.20
CA SER A 115 -7.58 -22.17 4.53
C SER A 115 -8.09 -22.88 3.30
N HIS A 116 -7.75 -22.35 2.12
CA HIS A 116 -8.19 -22.96 0.87
C HIS A 116 -7.05 -23.22 -0.10
N ASN A 117 -6.03 -23.89 0.43
CA ASN A 117 -4.93 -24.40 -0.38
C ASN A 117 -4.05 -23.30 -0.98
N GLY A 118 -4.04 -22.14 -0.32
CA GLY A 118 -3.16 -21.06 -0.73
C GLY A 118 -2.34 -20.56 0.44
N LYS A 119 -1.43 -19.63 0.16
CA LYS A 119 -0.67 -18.98 1.22
C LYS A 119 -0.50 -17.51 0.85
N VAL A 120 -0.85 -16.64 1.78
CA VAL A 120 -0.58 -15.21 1.60
C VAL A 120 0.80 -14.90 2.14
N PHE A 121 1.61 -14.24 1.33
CA PHE A 121 2.89 -13.74 1.81
C PHE A 121 2.82 -12.23 1.86
N TYR A 122 3.34 -11.65 2.95
CA TYR A 122 3.28 -10.21 3.16
C TYR A 122 4.57 -9.59 2.69
N VAL A 123 4.51 -8.92 1.54
CA VAL A 123 5.69 -8.27 1.00
C VAL A 123 5.48 -6.78 1.22
N THR A 124 6.23 -6.23 2.19
CA THR A 124 5.88 -4.96 2.78
C THR A 124 7.15 -4.19 3.09
N ASN A 125 7.07 -2.87 3.01
CA ASN A 125 8.23 -2.05 3.33
C ASN A 125 8.24 -1.51 4.77
N ARG A 126 7.37 -2.06 5.62
CA ARG A 126 7.64 -1.98 7.05
C ARG A 126 9.00 -2.64 7.23
N LYS A 127 9.81 -2.16 8.17
CA LYS A 127 11.21 -2.59 8.29
C LYS A 127 11.36 -3.89 9.08
N ASP A 128 12.07 -4.85 8.52
CA ASP A 128 12.28 -6.13 9.18
C ASP A 128 12.91 -5.98 10.57
N SER A 129 13.90 -5.10 10.69
CA SER A 129 14.69 -5.02 11.91
C SER A 129 13.99 -4.28 13.05
N THR A 130 13.26 -3.21 12.72
CA THR A 130 12.70 -2.37 13.77
C THR A 130 11.16 -2.40 13.87
N GLU A 131 10.49 -2.91 12.85
CA GLU A 131 9.04 -2.77 12.78
C GLU A 131 8.33 -4.12 12.72
N LYS A 132 9.09 -5.19 12.82
CA LYS A 132 8.49 -6.52 12.67
C LYS A 132 7.64 -6.89 13.88
N SER A 133 8.15 -6.65 15.08
CA SER A 133 7.43 -7.08 16.28
CA SER A 133 7.44 -7.05 16.30
C SER A 133 6.05 -6.43 16.42
N GLY A 134 5.96 -5.13 16.18
CA GLY A 134 4.70 -4.43 16.28
C GLY A 134 3.73 -4.88 15.18
N THR A 135 4.29 -5.13 14.00
CA THR A 135 3.49 -5.59 12.85
C THR A 135 2.82 -6.92 13.16
N ILE A 136 3.61 -7.88 13.62
CA ILE A 136 3.06 -9.20 13.94
C ILE A 136 2.06 -9.15 15.09
N ASP A 137 2.36 -8.37 16.13
CA ASP A 137 1.44 -8.26 17.25
C ASP A 137 0.08 -7.69 16.80
N ASP A 138 0.11 -6.60 16.05
CA ASP A 138 -1.12 -6.02 15.53
C ASP A 138 -1.90 -7.01 14.66
N MET A 139 -1.23 -7.67 13.73
CA MET A 139 -1.94 -8.61 12.86
C MET A 139 -2.55 -9.77 13.62
N LYS A 140 -1.86 -10.24 14.66
CA LYS A 140 -2.45 -11.29 15.49
C LYS A 140 -3.73 -10.77 16.16
N ARG A 141 -3.64 -9.58 16.75
CA ARG A 141 -4.77 -8.99 17.44
C ARG A 141 -5.92 -8.74 16.46
N LEU A 142 -5.58 -8.31 15.25
CA LEU A 142 -6.59 -8.01 14.23
C LEU A 142 -7.28 -9.23 13.64
N GLY A 143 -6.75 -10.43 13.91
CA GLY A 143 -7.42 -11.67 13.51
C GLY A 143 -6.87 -12.36 12.26
N PHE A 144 -5.75 -11.86 11.74
CA PHE A 144 -5.12 -12.51 10.59
C PHE A 144 -4.58 -13.87 11.00
N ASN A 145 -4.89 -14.89 10.20
CA ASN A 145 -4.27 -16.21 10.33
C ASN A 145 -3.00 -16.25 9.49
N GLY A 146 -2.07 -17.13 9.87
CA GLY A 146 -0.86 -17.33 9.08
C GLY A 146 0.20 -16.26 9.24
N VAL A 147 0.29 -15.65 10.43
CA VAL A 147 1.26 -14.57 10.62
C VAL A 147 2.52 -15.01 11.38
N GLU A 148 2.93 -16.25 11.14
CA GLU A 148 4.25 -16.69 11.58
C GLU A 148 5.32 -15.90 10.81
N GLU A 149 6.52 -15.80 11.38
CA GLU A 149 7.54 -14.95 10.77
C GLU A 149 7.87 -15.30 9.34
N SER A 150 7.71 -16.58 8.99
CA SER A 150 8.05 -17.08 7.66
C SER A 150 7.12 -16.59 6.55
N ALA A 151 5.98 -16.01 6.92
CA ALA A 151 5.04 -15.47 5.93
C ALA A 151 5.44 -14.06 5.51
N PHE A 152 6.37 -13.45 6.26
CA PHE A 152 6.71 -12.05 6.05
C PHE A 152 8.00 -11.83 5.28
N TYR A 153 7.90 -10.95 4.29
CA TYR A 153 9.06 -10.44 3.60
C TYR A 153 9.15 -8.93 3.79
N LEU A 154 9.54 -8.53 5.00
CA LEU A 154 9.69 -7.10 5.34
C LEU A 154 10.95 -6.51 4.72
N LYS A 155 11.01 -5.17 4.71
CA LYS A 155 12.11 -4.49 4.06
C LYS A 155 13.41 -4.70 4.82
N LYS A 156 14.45 -5.07 4.07
CA LYS A 156 15.78 -5.14 4.63
C LYS A 156 16.64 -4.04 4.00
N ASP A 157 17.10 -4.26 2.77
CA ASP A 157 17.96 -3.30 2.09
C ASP A 157 17.23 -2.49 1.00
N LYS A 158 16.38 -3.17 0.22
CA LYS A 158 15.77 -2.59 -0.97
C LYS A 158 14.27 -2.36 -0.80
N SER A 159 13.79 -1.20 -1.24
CA SER A 159 12.36 -0.89 -1.20
C SER A 159 11.61 -1.52 -2.38
N ALA A 160 12.30 -1.69 -3.51
CA ALA A 160 11.67 -2.33 -4.66
C ALA A 160 11.35 -3.78 -4.30
N LYS A 161 10.20 -4.27 -4.74
CA LYS A 161 9.66 -5.52 -4.20
C LYS A 161 9.89 -6.77 -5.06
N ALA A 162 10.28 -6.59 -6.32
CA ALA A 162 10.35 -7.72 -7.24
C ALA A 162 11.28 -8.85 -6.77
N ALA A 163 12.38 -8.50 -6.12
CA ALA A 163 13.34 -9.51 -5.66
C ALA A 163 12.69 -10.42 -4.64
N ARG A 164 11.87 -9.84 -3.76
CA ARG A 164 11.15 -10.63 -2.77
C ARG A 164 10.09 -11.52 -3.42
N PHE A 165 9.42 -11.02 -4.46
CA PHE A 165 8.48 -11.87 -5.20
C PHE A 165 9.22 -13.09 -5.74
N ALA A 166 10.42 -12.87 -6.26
CA ALA A 166 11.24 -13.96 -6.79
C ALA A 166 11.64 -14.96 -5.70
N GLU A 167 11.95 -14.45 -4.50
CA GLU A 167 12.30 -15.32 -3.37
C GLU A 167 11.16 -16.28 -3.09
N ILE A 168 9.95 -15.74 -3.13
CA ILE A 168 8.74 -16.55 -2.92
C ILE A 168 8.59 -17.63 -4.00
N GLU A 169 8.78 -17.25 -5.26
CA GLU A 169 8.72 -18.23 -6.34
C GLU A 169 9.78 -19.34 -6.21
N LYS A 170 10.95 -18.99 -5.70
CA LYS A 170 12.02 -19.98 -5.51
C LYS A 170 11.66 -20.98 -4.44
N GLN A 171 10.72 -20.62 -3.57
CA GLN A 171 10.28 -21.55 -2.52
C GLN A 171 9.23 -22.54 -3.02
N GLY A 172 8.96 -22.54 -4.32
CA GLY A 172 8.04 -23.51 -4.90
C GLY A 172 6.61 -23.03 -5.07
N TYR A 173 6.42 -21.72 -4.94
CA TYR A 173 5.10 -21.11 -5.11
C TYR A 173 4.95 -20.48 -6.47
N GLU A 174 3.72 -20.51 -6.99
CA GLU A 174 3.36 -19.69 -8.13
C GLU A 174 2.42 -18.61 -7.62
N ILE A 175 2.75 -17.35 -7.83
CA ILE A 175 1.93 -16.25 -7.32
C ILE A 175 0.73 -16.04 -8.24
N VAL A 176 -0.47 -16.22 -7.69
CA VAL A 176 -1.67 -16.20 -8.53
C VAL A 176 -2.29 -14.81 -8.62
N LEU A 177 -2.00 -13.96 -7.64
CA LEU A 177 -2.43 -12.57 -7.68
C LEU A 177 -1.65 -11.74 -6.66
N TYR A 178 -1.68 -10.43 -6.89
CA TYR A 178 -1.00 -9.45 -6.04
C TYR A 178 -2.06 -8.48 -5.58
N VAL A 179 -1.94 -8.06 -4.32
CA VAL A 179 -2.84 -7.06 -3.76
C VAL A 179 -2.01 -5.88 -3.28
N GLY A 180 -2.45 -4.66 -3.56
CA GLY A 180 -1.70 -3.49 -3.13
C GLY A 180 -2.43 -2.18 -3.35
N ASP A 181 -1.85 -1.09 -2.84
CA ASP A 181 -2.41 0.25 -3.06
C ASP A 181 -1.44 1.08 -3.88
N ASN A 182 -0.30 0.49 -4.24
CA ASN A 182 0.79 1.19 -4.91
C ASN A 182 1.18 0.33 -6.11
N LEU A 183 1.36 0.92 -7.29
CA LEU A 183 1.73 0.13 -8.45
C LEU A 183 3.04 -0.65 -8.24
N ASP A 184 3.88 -0.15 -7.34
CA ASP A 184 5.16 -0.82 -7.05
C ASP A 184 4.92 -2.12 -6.26
N ASP A 185 3.66 -2.37 -5.90
CA ASP A 185 3.30 -3.64 -5.27
C ASP A 185 3.05 -4.73 -6.31
N PHE A 186 3.17 -4.38 -7.59
CA PHE A 186 2.95 -5.33 -8.67
C PHE A 186 4.23 -5.68 -9.44
N GLY A 187 5.35 -5.07 -9.06
CA GLY A 187 6.59 -5.29 -9.77
C GLY A 187 7.48 -4.05 -9.70
N ASN A 188 8.59 -4.09 -10.43
CA ASN A 188 9.56 -2.99 -10.38
C ASN A 188 9.53 -2.09 -11.61
N THR A 189 8.68 -2.37 -12.57
CA THR A 189 8.85 -1.70 -13.87
C THR A 189 8.68 -0.18 -13.86
N VAL A 190 7.94 0.36 -12.89
CA VAL A 190 7.80 1.81 -12.76
C VAL A 190 8.24 2.32 -11.40
N TYR A 191 9.01 1.50 -10.68
CA TYR A 191 9.57 1.92 -9.40
C TYR A 191 10.49 3.13 -9.61
N GLY A 192 10.22 4.21 -8.88
CA GLY A 192 11.01 5.42 -8.96
C GLY A 192 10.75 6.28 -10.19
N LYS A 193 9.71 5.92 -10.95
CA LYS A 193 9.38 6.64 -12.18
C LYS A 193 8.29 7.69 -11.94
N LEU A 194 8.18 8.64 -12.87
CA LEU A 194 7.18 9.69 -12.78
C LEU A 194 5.80 9.19 -13.21
N ASN A 195 4.76 9.95 -12.90
CA ASN A 195 3.40 9.46 -13.08
C ASN A 195 3.01 9.14 -14.53
N ALA A 196 3.61 9.82 -15.50
CA ALA A 196 3.33 9.50 -16.90
C ALA A 196 3.69 8.05 -17.22
N ASP A 197 4.86 7.59 -16.79
CA ASP A 197 5.26 6.21 -17.02
C ASP A 197 4.40 5.23 -16.22
N ARG A 198 4.00 5.66 -15.02
CA ARG A 198 3.17 4.82 -14.17
C ARG A 198 1.76 4.64 -14.75
N ARG A 199 1.18 5.71 -15.27
CA ARG A 199 -0.12 5.61 -15.94
C ARG A 199 0.01 4.70 -17.18
N ALA A 200 1.12 4.82 -17.90
CA ALA A 200 1.39 3.97 -19.05
C ALA A 200 1.43 2.49 -18.68
N PHE A 201 2.09 2.18 -17.57
CA PHE A 201 2.10 0.81 -17.07
C PHE A 201 0.68 0.29 -16.82
N VAL A 202 -0.14 1.11 -16.19
CA VAL A 202 -1.53 0.72 -15.94
C VAL A 202 -2.27 0.45 -17.26
N ASP A 203 -2.16 1.37 -18.22
CA ASP A 203 -2.78 1.14 -19.53
C ASP A 203 -2.31 -0.16 -20.18
N GLN A 204 -1.02 -0.46 -20.08
CA GLN A 204 -0.46 -1.66 -20.69
C GLN A 204 -0.93 -2.94 -20.00
N ASN A 205 -1.57 -2.77 -18.85
CA ASN A 205 -2.05 -3.93 -18.07
C ASN A 205 -3.52 -3.81 -17.72
N GLN A 206 -4.27 -3.05 -18.51
CA GLN A 206 -5.66 -2.72 -18.20
C GLN A 206 -6.52 -3.90 -17.75
N GLY A 207 -6.39 -5.03 -18.46
CA GLY A 207 -7.21 -6.20 -18.18
C GLY A 207 -6.88 -6.98 -16.90
N LYS A 208 -5.72 -6.70 -16.32
CA LYS A 208 -5.30 -7.42 -15.11
C LYS A 208 -5.95 -6.86 -13.84
N PHE A 209 -6.38 -5.60 -13.87
CA PHE A 209 -6.89 -4.98 -12.65
C PHE A 209 -8.25 -5.56 -12.22
N GLY A 210 -8.34 -5.97 -10.95
CA GLY A 210 -9.52 -6.69 -10.48
C GLY A 210 -9.45 -8.17 -10.80
N LYS A 211 -8.36 -8.62 -11.41
CA LYS A 211 -8.18 -10.04 -11.70
C LYS A 211 -6.90 -10.49 -11.00
N THR A 212 -5.75 -10.28 -11.65
CA THR A 212 -4.48 -10.67 -11.04
C THR A 212 -3.74 -9.53 -10.30
N PHE A 213 -4.08 -8.28 -10.61
CA PHE A 213 -3.62 -7.14 -9.80
C PHE A 213 -4.83 -6.54 -9.10
N ILE A 214 -4.86 -6.64 -7.77
CA ILE A 214 -5.99 -6.13 -6.99
C ILE A 214 -5.59 -4.80 -6.34
N MET A 215 -6.36 -3.75 -6.62
CA MET A 215 -6.06 -2.40 -6.14
C MET A 215 -6.91 -1.95 -4.95
N LEU A 216 -6.24 -1.39 -3.94
CA LEU A 216 -6.91 -0.69 -2.84
C LEU A 216 -6.64 0.82 -3.00
N PRO A 217 -7.58 1.67 -2.54
CA PRO A 217 -7.41 3.12 -2.75
C PRO A 217 -6.57 3.79 -1.67
N ASN A 218 -5.68 4.68 -2.06
CA ASN A 218 -4.89 5.44 -1.09
C ASN A 218 -4.61 6.83 -1.63
N ALA A 219 -5.38 7.80 -1.16
CA ALA A 219 -5.28 9.19 -1.64
C ALA A 219 -4.34 10.02 -0.76
N ASN A 220 -3.70 9.38 0.21
CA ASN A 220 -2.86 10.09 1.19
C ASN A 220 -1.35 10.11 0.90
N TYR A 221 -0.83 9.05 0.29
CA TYR A 221 0.60 8.99 0.00
C TYR A 221 0.88 7.85 -0.99
N GLY A 222 2.11 7.79 -1.47
CA GLY A 222 2.53 6.66 -2.28
C GLY A 222 3.50 7.02 -3.38
N GLY A 223 3.78 6.05 -4.25
CA GLY A 223 4.66 6.24 -5.38
C GLY A 223 4.14 7.31 -6.33
N TRP A 224 2.83 7.55 -6.33
CA TRP A 224 2.25 8.61 -7.15
C TRP A 224 2.62 10.00 -6.62
N GLU A 225 2.93 10.10 -5.33
CA GLU A 225 3.33 11.41 -4.79
C GLU A 225 4.72 11.75 -5.29
N GLY A 226 5.66 10.81 -5.14
CA GLY A 226 6.99 10.99 -5.70
C GLY A 226 6.92 11.19 -7.21
N GLY A 227 5.91 10.57 -7.82
CA GLY A 227 5.76 10.65 -9.26
C GLY A 227 5.32 12.01 -9.79
N LEU A 228 4.99 12.93 -8.88
CA LEU A 228 4.53 14.28 -9.28
C LEU A 228 5.63 15.15 -9.89
N ALA A 229 6.90 14.81 -9.61
CA ALA A 229 8.01 15.65 -10.09
C ALA A 229 9.33 14.92 -9.92
N GLU A 230 10.24 15.12 -10.87
CA GLU A 230 11.60 14.58 -10.75
C GLU A 230 12.22 15.03 -9.43
N GLY A 231 12.73 14.07 -8.66
CA GLY A 231 13.40 14.35 -7.40
C GLY A 231 12.50 14.94 -6.32
N TYR A 232 11.22 14.61 -6.37
CA TYR A 232 10.25 15.15 -5.43
C TYR A 232 10.65 14.95 -3.97
N PHE A 233 11.06 13.74 -3.63
CA PHE A 233 11.31 13.42 -2.22
C PHE A 233 12.59 14.05 -1.71
N LYS A 234 13.40 14.58 -2.64
CA LYS A 234 14.62 15.30 -2.28
C LYS A 234 14.35 16.79 -2.05
N LYS A 235 13.21 17.28 -2.52
CA LYS A 235 12.86 18.69 -2.36
C LYS A 235 12.54 19.04 -0.91
N ASP A 236 12.66 20.31 -0.55
CA ASP A 236 12.24 20.75 0.78
C ASP A 236 10.72 20.90 0.80
N THR A 237 10.16 21.21 1.97
CA THR A 237 8.72 21.32 2.10
C THR A 237 8.09 22.29 1.09
N GLN A 238 8.67 23.47 0.95
CA GLN A 238 8.15 24.44 -0.02
C GLN A 238 8.20 23.87 -1.44
N GLY A 239 9.27 23.14 -1.75
CA GLY A 239 9.40 22.54 -3.07
C GLY A 239 8.33 21.52 -3.36
N GLN A 240 7.95 20.75 -2.34
CA GLN A 240 6.93 19.72 -2.51
C GLN A 240 5.55 20.35 -2.68
N ILE A 241 5.27 21.40 -1.91
CA ILE A 241 4.02 22.14 -2.07
C ILE A 241 3.89 22.66 -3.51
N LYS A 242 4.99 23.22 -4.03
CA LYS A 242 4.98 23.76 -5.38
C LYS A 242 4.80 22.66 -6.42
N ALA A 243 5.43 21.50 -6.19
CA ALA A 243 5.26 20.38 -7.11
C ALA A 243 3.82 19.91 -7.17
N ARG A 244 3.15 19.87 -6.02
CA ARG A 244 1.76 19.45 -5.98
C ARG A 244 0.86 20.45 -6.71
N LEU A 245 1.03 21.72 -6.40
CA LEU A 245 0.23 22.75 -7.02
C LEU A 245 0.50 22.86 -8.52
N ASP A 246 1.76 22.67 -8.93
CA ASP A 246 2.11 22.71 -10.35
C ASP A 246 1.53 21.52 -11.12
N ALA A 247 1.28 20.42 -10.44
CA ALA A 247 0.74 19.23 -11.10
C ALA A 247 -0.75 19.37 -11.38
N VAL A 248 -1.39 20.30 -10.69
CA VAL A 248 -2.83 20.50 -10.84
C VAL A 248 -3.23 20.91 -12.26
N GLN A 249 -4.21 20.20 -12.81
CA GLN A 249 -4.78 20.53 -14.11
C GLN A 249 -6.09 21.28 -13.88
N ALA A 250 -6.16 22.53 -14.32
CA ALA A 250 -7.31 23.35 -14.00
C ALA A 250 -8.01 23.88 -15.24
N TRP A 251 -9.34 23.87 -15.20
CA TRP A 251 -10.19 24.55 -16.16
C TRP A 251 -9.80 26.03 -16.13
N ASP A 252 -9.79 26.68 -17.28
CA ASP A 252 -9.43 28.10 -17.35
C ASP A 252 -10.56 29.05 -16.98
N GLY A 253 -11.75 28.49 -16.72
CA GLY A 253 -12.89 29.29 -16.32
C GLY A 253 -13.66 29.88 -17.49
N LYS A 254 -13.22 29.54 -18.70
CA LYS A 254 -13.86 30.06 -19.92
C LYS A 254 -14.62 28.96 -20.69
N LEU A 255 -15.41 29.38 -21.67
CA LEU A 255 -16.19 28.46 -22.50
C LEU A 255 -15.53 28.23 -23.86
#